data_3GJY
#
_entry.id   3GJY
#
_cell.length_a   52.909
_cell.length_b   65.009
_cell.length_c   87.308
_cell.angle_alpha   90.00
_cell.angle_beta   90.00
_cell.angle_gamma   90.00
#
_symmetry.space_group_name_H-M   'P 21 21 21'
#
loop_
_entity.id
_entity.type
_entity.pdbx_description
1 polymer 'Spermidine synthase'
2 non-polymer 'FORMIC ACID'
3 water water
#
_entity_poly.entity_id   1
_entity_poly.type   'polypeptide(L)'
_entity_poly.pdbx_seq_one_letter_code
;SNA(MSE)ARKKNTSDQSRSQAANTPIAGTYEGEYSVIELEADSYTTDGWLISINGVPSSHIVLGQPQALEFEY(MSE)R
WIATGARAFIDAHQDASKLRITHLGGGACT(MSE)ARYFADVYPQSRNTVVELDAELARLSREWFDIPRAPRVKIRVDDA
R(MSE)VAESFTPASRDVIIRDVFAGAITPQNFTTVEFFEHCHRGLAPGGLYVANCGDHSDLRGAKSELAG(MSE)
(MSE)EVFEHVAVIADPP(MSE)LKGRRYGNIIL(MSE)GSDTEFFSSNSTEASAITRELLGGGVPAQYKDESWVRKFAS
GAQARHDGVSTLQ(MSE)PSDTPQHPAETPEHSNTQP
;
_entity_poly.pdbx_strand_id   A
#
# COMPACT_ATOMS: atom_id res chain seq x y z
N THR A 21 21.62 -12.89 -8.49
CA THR A 21 21.48 -12.78 -7.00
C THR A 21 21.84 -11.38 -6.47
N PRO A 22 21.09 -10.91 -5.44
CA PRO A 22 21.53 -9.75 -4.68
C PRO A 22 22.83 -10.07 -3.98
N ILE A 23 23.55 -9.01 -3.63
CA ILE A 23 24.77 -9.09 -2.85
C ILE A 23 24.54 -8.38 -1.52
N ALA A 24 24.76 -9.08 -0.42
CA ALA A 24 24.52 -8.50 0.90
C ALA A 24 25.42 -7.30 1.13
N GLY A 25 24.87 -6.30 1.81
CA GLY A 25 25.66 -5.13 2.15
C GLY A 25 24.84 -3.88 2.25
N THR A 26 25.57 -2.77 2.31
CA THR A 26 25.00 -1.45 2.44
C THR A 26 25.16 -0.67 1.15
N TYR A 27 24.08 -0.06 0.70
CA TYR A 27 24.04 0.69 -0.56
C TYR A 27 23.57 2.12 -0.31
N GLU A 28 24.24 3.09 -0.90
CA GLU A 28 23.85 4.47 -0.75
CA GLU A 28 23.83 4.48 -0.73
C GLU A 28 22.75 4.81 -1.75
N GLY A 29 21.55 5.02 -1.27
CA GLY A 29 20.46 5.44 -2.15
C GLY A 29 20.51 6.94 -2.34
N GLU A 30 19.58 7.44 -3.14
CA GLU A 30 19.49 8.86 -3.34
C GLU A 30 18.90 9.56 -2.11
N TYR A 31 17.97 8.89 -1.43
CA TYR A 31 17.25 9.44 -0.26
C TYR A 31 17.40 8.57 0.99
N SER A 32 18.05 7.42 0.87
CA SER A 32 18.11 6.49 2.00
CA SER A 32 18.09 6.49 2.00
C SER A 32 19.31 5.59 1.92
N VAL A 33 19.75 5.09 3.06
CA VAL A 33 20.73 3.99 3.05
CA VAL A 33 20.73 3.99 3.06
C VAL A 33 19.96 2.68 2.95
N ILE A 34 20.37 1.84 2.03
CA ILE A 34 19.66 0.58 1.75
C ILE A 34 20.53 -0.60 2.19
N GLU A 35 19.99 -1.46 3.05
CA GLU A 35 20.74 -2.64 3.50
CA GLU A 35 20.72 -2.63 3.57
C GLU A 35 20.08 -3.91 3.03
N LEU A 36 20.89 -4.80 2.44
CA LEU A 36 20.39 -6.09 1.98
C LEU A 36 21.01 -7.16 2.84
N GLU A 37 20.16 -8.00 3.44
CA GLU A 37 20.64 -9.10 4.30
C GLU A 37 20.05 -10.44 3.83
N ALA A 38 20.89 -11.44 3.66
CA ALA A 38 20.44 -12.78 3.26
C ALA A 38 19.89 -13.49 4.47
N ASP A 39 18.73 -14.12 4.31
CA ASP A 39 18.19 -14.98 5.38
C ASP A 39 19.14 -16.14 5.68
N SER A 40 19.38 -16.39 6.96
CA SER A 40 20.21 -17.54 7.37
C SER A 40 19.57 -18.87 7.01
N TYR A 41 18.24 -18.91 7.10
CA TYR A 41 17.51 -20.18 6.97
C TYR A 41 16.78 -20.42 5.64
N THR A 42 16.46 -19.37 4.91
CA THR A 42 15.71 -19.49 3.66
C THR A 42 16.63 -19.34 2.50
N THR A 43 16.67 -20.36 1.63
CA THR A 43 17.40 -20.27 0.37
C THR A 43 16.85 -19.11 -0.43
N ASP A 44 17.75 -18.21 -0.85
CA ASP A 44 17.35 -17.08 -1.68
C ASP A 44 16.34 -16.12 -1.01
N GLY A 45 16.33 -16.08 0.32
CA GLY A 45 15.54 -15.11 1.06
C GLY A 45 16.35 -13.86 1.37
N TRP A 46 15.72 -12.70 1.21
CA TRP A 46 16.40 -11.41 1.34
C TRP A 46 15.55 -10.41 2.08
N LEU A 47 16.17 -9.76 3.08
CA LEU A 47 15.55 -8.66 3.80
C LEU A 47 16.12 -7.35 3.27
N ILE A 48 15.24 -6.41 2.93
CA ILE A 48 15.64 -5.10 2.43
C ILE A 48 15.22 -4.09 3.47
N SER A 49 16.20 -3.33 4.00
CA SER A 49 15.95 -2.26 4.98
C SER A 49 16.31 -0.93 4.38
N ILE A 50 15.58 0.08 4.83
CA ILE A 50 15.72 1.45 4.33
C ILE A 50 15.86 2.36 5.54
N ASN A 51 16.98 3.07 5.61
CA ASN A 51 17.29 3.89 6.78
C ASN A 51 17.16 3.10 8.10
N GLY A 52 17.60 1.84 8.05
CA GLY A 52 17.60 1.01 9.25
C GLY A 52 16.27 0.37 9.60
N VAL A 53 15.23 0.61 8.80
CA VAL A 53 13.90 0.03 9.05
C VAL A 53 13.69 -1.10 8.05
N PRO A 54 13.44 -2.32 8.55
CA PRO A 54 13.05 -3.41 7.62
C PRO A 54 11.90 -2.94 6.73
N SER A 55 12.02 -3.13 5.41
CA SER A 55 11.04 -2.54 4.51
C SER A 55 10.41 -3.53 3.53
N SER A 56 11.16 -4.52 3.10
CA SER A 56 10.54 -5.61 2.36
C SER A 56 11.30 -6.92 2.59
N HIS A 57 10.66 -8.04 2.25
CA HIS A 57 11.30 -9.33 2.28
C HIS A 57 10.85 -10.11 1.08
N ILE A 58 11.80 -10.74 0.38
CA ILE A 58 11.47 -11.52 -0.82
C ILE A 58 12.17 -12.87 -0.78
N VAL A 59 11.57 -13.84 -1.45
CA VAL A 59 12.26 -15.10 -1.75
C VAL A 59 12.33 -15.15 -3.26
N LEU A 60 13.54 -15.23 -3.79
CA LEU A 60 13.71 -15.21 -5.26
C LEU A 60 12.97 -16.42 -5.86
N GLY A 61 12.26 -16.16 -6.96
CA GLY A 61 11.52 -17.21 -7.65
C GLY A 61 10.15 -17.51 -7.06
N GLN A 62 9.80 -16.84 -5.95
CA GLN A 62 8.53 -17.06 -5.27
CA GLN A 62 8.54 -17.07 -5.24
C GLN A 62 7.82 -15.74 -5.01
N PRO A 63 7.25 -15.16 -6.08
CA PRO A 63 6.71 -13.81 -5.97
C PRO A 63 5.46 -13.69 -5.09
N GLN A 64 4.82 -14.81 -4.73
CA GLN A 64 3.70 -14.73 -3.81
C GLN A 64 4.06 -14.90 -2.33
N ALA A 65 5.34 -15.09 -2.02
CA ALA A 65 5.77 -15.25 -0.62
C ALA A 65 6.01 -13.91 0.03
N LEU A 66 5.17 -13.58 1.02
CA LEU A 66 5.24 -12.29 1.73
C LEU A 66 5.47 -12.50 3.20
N GLU A 67 6.37 -11.72 3.79
CA GLU A 67 6.66 -11.85 5.23
C GLU A 67 6.18 -10.69 6.07
N PHE A 68 5.97 -9.56 5.43
CA PHE A 68 5.43 -8.38 6.07
C PHE A 68 3.93 -8.51 6.21
N GLU A 69 3.44 -8.46 7.45
CA GLU A 69 2.01 -8.70 7.70
C GLU A 69 1.12 -7.74 6.92
N TYR A 70 1.47 -6.46 6.93
CA TYR A 70 0.58 -5.50 6.27
C TYR A 70 0.50 -5.77 4.77
N ARG A 72 0.56 -8.80 3.42
CA ARG A 72 -0.43 -9.87 3.35
C ARG A 72 -1.85 -9.30 3.44
N TRP A 73 -2.04 -8.29 4.29
CA TRP A 73 -3.38 -7.70 4.48
C TRP A 73 -3.84 -6.96 3.24
N ILE A 74 -2.92 -6.18 2.63
CA ILE A 74 -3.24 -5.52 1.35
C ILE A 74 -3.58 -6.60 0.29
N ALA A 75 -2.77 -7.66 0.21
CA ALA A 75 -3.05 -8.73 -0.76
C ALA A 75 -4.45 -9.27 -0.56
N THR A 76 -4.83 -9.58 0.69
CA THR A 76 -6.12 -10.18 0.96
C THR A 76 -7.27 -9.22 0.61
N GLY A 77 -7.17 -7.98 1.08
CA GLY A 77 -8.27 -7.04 0.86
C GLY A 77 -8.40 -6.69 -0.62
N ALA A 78 -7.27 -6.42 -1.29
CA ALA A 78 -7.31 -6.03 -2.70
C ALA A 78 -7.78 -7.20 -3.58
N ARG A 79 -7.27 -8.39 -3.33
CA ARG A 79 -7.68 -9.54 -4.18
C ARG A 79 -9.17 -9.81 -4.02
N ALA A 80 -9.68 -9.71 -2.79
CA ALA A 80 -11.12 -9.94 -2.61
C ALA A 80 -11.95 -8.96 -3.46
N PHE A 81 -11.53 -7.70 -3.47
CA PHE A 81 -12.22 -6.69 -4.21
C PHE A 81 -12.06 -6.90 -5.72
N ILE A 82 -10.82 -7.08 -6.19
CA ILE A 82 -10.56 -7.26 -7.61
C ILE A 82 -11.33 -8.49 -8.13
N ASP A 83 -11.26 -9.57 -7.37
CA ASP A 83 -11.92 -10.81 -7.82
C ASP A 83 -13.43 -10.63 -7.95
N ALA A 84 -14.02 -9.87 -7.03
CA ALA A 84 -15.46 -9.65 -7.07
C ALA A 84 -15.92 -8.64 -8.08
N HIS A 85 -15.10 -7.61 -8.35
CA HIS A 85 -15.62 -6.43 -9.06
C HIS A 85 -14.92 -6.02 -10.33
N GLN A 86 -13.70 -6.50 -10.58
CA GLN A 86 -12.92 -5.97 -11.69
C GLN A 86 -12.47 -7.05 -12.65
N ASP A 87 -11.97 -6.62 -13.78
CA ASP A 87 -11.53 -7.53 -14.83
C ASP A 87 -10.00 -7.65 -14.75
N ALA A 88 -9.53 -8.77 -14.22
CA ALA A 88 -8.11 -9.00 -14.03
C ALA A 88 -7.31 -8.96 -15.31
N SER A 89 -7.95 -9.29 -16.43
CA SER A 89 -7.21 -9.37 -17.70
C SER A 89 -6.80 -7.99 -18.22
N LYS A 90 -7.35 -6.94 -17.63
CA LYS A 90 -7.00 -5.59 -18.07
C LYS A 90 -6.67 -4.64 -16.89
N LEU A 91 -6.30 -5.26 -15.78
CA LEU A 91 -6.11 -4.53 -14.54
C LEU A 91 -4.90 -3.60 -14.60
N ARG A 92 -5.07 -2.37 -14.09
CA ARG A 92 -4.01 -1.34 -13.99
C ARG A 92 -3.91 -0.98 -12.53
N ILE A 93 -2.78 -1.30 -11.89
CA ILE A 93 -2.56 -0.99 -10.49
C ILE A 93 -1.43 0.04 -10.37
N THR A 94 -1.70 1.17 -9.71
CA THR A 94 -0.67 2.17 -9.41
C THR A 94 -0.24 2.05 -7.98
N HIS A 95 1.07 1.94 -7.78
CA HIS A 95 1.67 1.82 -6.46
C HIS A 95 2.37 3.12 -6.15
N LEU A 96 1.78 3.88 -5.22
CA LEU A 96 2.41 5.14 -4.80
C LEU A 96 3.36 4.80 -3.65
N GLY A 97 4.63 4.63 -3.96
CA GLY A 97 5.59 3.99 -3.03
C GLY A 97 5.49 2.47 -3.05
N GLY A 98 6.48 1.81 -2.48
CA GLY A 98 6.33 0.38 -2.27
C GLY A 98 7.68 -0.28 -2.24
N GLY A 99 8.12 -0.67 -1.03
CA GLY A 99 9.49 -1.13 -0.84
C GLY A 99 9.83 -2.31 -1.72
N ALA A 100 10.96 -2.15 -2.40
CA ALA A 100 11.49 -3.09 -3.32
C ALA A 100 10.59 -3.46 -4.50
N CYS A 101 9.49 -2.75 -4.74
CA CYS A 101 8.47 -3.19 -5.71
C CYS A 101 7.84 -4.55 -5.40
N THR A 102 7.90 -4.96 -4.14
CA THR A 102 7.44 -6.30 -3.79
C THR A 102 5.93 -6.48 -3.94
N ALA A 104 4.01 -4.85 -6.05
CA ALA A 104 3.83 -4.86 -7.50
C ALA A 104 4.15 -6.24 -8.10
N ARG A 105 5.27 -6.79 -7.64
CA ARG A 105 5.73 -8.13 -8.04
C ARG A 105 4.69 -9.21 -7.67
N TYR A 106 4.10 -9.06 -6.48
CA TYR A 106 3.07 -9.98 -6.03
C TYR A 106 1.85 -9.95 -6.94
N PHE A 107 1.31 -8.73 -7.16
CA PHE A 107 0.11 -8.63 -8.00
C PHE A 107 0.39 -9.02 -9.43
N ALA A 108 1.60 -8.74 -9.91
CA ALA A 108 1.95 -9.14 -11.29
C ALA A 108 1.90 -10.67 -11.45
N ASP A 109 2.21 -11.41 -10.38
CA ASP A 109 2.15 -12.86 -10.49
C ASP A 109 0.73 -13.41 -10.31
N VAL A 110 0.01 -12.84 -9.35
CA VAL A 110 -1.38 -13.26 -9.11
C VAL A 110 -2.27 -12.97 -10.33
N TYR A 111 -2.02 -11.81 -10.96
CA TYR A 111 -2.78 -11.35 -12.10
C TYR A 111 -1.80 -11.16 -13.25
N PRO A 112 -1.53 -12.23 -14.02
CA PRO A 112 -0.41 -12.19 -14.95
C PRO A 112 -0.56 -11.28 -16.16
N GLN A 113 -1.76 -10.72 -16.34
CA GLN A 113 -2.03 -9.73 -17.40
CA GLN A 113 -1.96 -9.72 -17.41
C GLN A 113 -2.10 -8.32 -16.86
N SER A 114 -1.95 -8.16 -15.53
CA SER A 114 -2.01 -6.82 -14.93
C SER A 114 -0.77 -6.00 -15.25
N ARG A 115 -0.98 -4.69 -15.29
CA ARG A 115 0.10 -3.73 -15.43
C ARG A 115 0.25 -2.98 -14.12
N ASN A 116 1.41 -3.14 -13.47
CA ASN A 116 1.68 -2.49 -12.17
C ASN A 116 2.70 -1.39 -12.38
N THR A 117 2.33 -0.17 -12.03
CA THR A 117 3.26 0.97 -12.14
C THR A 117 3.62 1.42 -10.74
N VAL A 118 4.91 1.44 -10.44
CA VAL A 118 5.39 1.85 -9.11
C VAL A 118 6.03 3.23 -9.27
N VAL A 119 5.57 4.18 -8.47
CA VAL A 119 6.16 5.52 -8.43
C VAL A 119 7.07 5.55 -7.21
N GLU A 120 8.37 5.61 -7.49
CA GLU A 120 9.39 5.52 -6.42
C GLU A 120 10.23 6.80 -6.44
N LEU A 121 10.44 7.39 -5.27
CA LEU A 121 11.22 8.60 -5.11
C LEU A 121 12.73 8.44 -5.43
N ASP A 122 13.27 7.29 -5.05
CA ASP A 122 14.70 7.08 -4.94
C ASP A 122 15.21 6.35 -6.19
N ALA A 123 15.97 7.06 -7.03
CA ALA A 123 16.46 6.47 -8.29
C ALA A 123 17.30 5.20 -8.06
N GLU A 124 18.04 5.17 -6.96
CA GLU A 124 18.91 4.05 -6.68
C GLU A 124 18.10 2.85 -6.18
N LEU A 125 17.09 3.10 -5.35
CA LEU A 125 16.21 2.00 -4.98
C LEU A 125 15.50 1.43 -6.21
N ALA A 126 15.05 2.32 -7.11
CA ALA A 126 14.47 1.88 -8.37
C ALA A 126 15.42 1.00 -9.19
N ARG A 127 16.69 1.42 -9.26
CA ARG A 127 17.68 0.66 -10.06
C ARG A 127 17.93 -0.72 -9.41
N LEU A 128 18.11 -0.76 -8.07
CA LEU A 128 18.32 -2.04 -7.37
C LEU A 128 17.11 -2.97 -7.53
N SER A 129 15.89 -2.39 -7.51
CA SER A 129 14.69 -3.21 -7.68
C SER A 129 14.70 -3.91 -9.03
N ARG A 130 14.97 -3.14 -10.09
CA ARG A 130 15.00 -3.74 -11.45
C ARG A 130 16.11 -4.79 -11.57
N GLU A 131 17.27 -4.54 -10.96
CA GLU A 131 18.41 -5.44 -11.13
CA GLU A 131 18.41 -5.44 -11.12
C GLU A 131 18.27 -6.70 -10.26
N TRP A 132 17.82 -6.54 -9.00
CA TRP A 132 17.99 -7.59 -8.00
C TRP A 132 16.75 -8.09 -7.30
N PHE A 133 15.64 -7.36 -7.37
CA PHE A 133 14.49 -7.72 -6.56
C PHE A 133 13.44 -8.55 -7.29
N ASP A 134 13.85 -9.14 -8.42
CA ASP A 134 13.13 -10.28 -9.00
C ASP A 134 11.73 -9.88 -9.45
N ILE A 135 11.67 -8.79 -10.19
CA ILE A 135 10.43 -8.29 -10.75
C ILE A 135 10.35 -8.61 -12.23
N PRO A 136 9.12 -8.77 -12.73
CA PRO A 136 8.96 -9.04 -14.17
C PRO A 136 9.18 -7.76 -14.97
N ARG A 137 9.35 -7.92 -16.26
CA ARG A 137 9.63 -6.75 -17.11
C ARG A 137 8.45 -5.79 -17.21
N ALA A 138 8.75 -4.54 -17.56
CA ALA A 138 7.69 -3.59 -17.89
C ALA A 138 6.93 -4.10 -19.13
N PRO A 139 5.59 -3.93 -19.20
CA PRO A 139 4.75 -3.13 -18.30
C PRO A 139 4.15 -3.95 -17.13
N ARG A 140 4.50 -5.22 -16.97
CA ARG A 140 3.94 -6.00 -15.83
C ARG A 140 4.31 -5.33 -14.53
N VAL A 141 5.59 -4.96 -14.40
CA VAL A 141 6.03 -4.01 -13.37
C VAL A 141 6.85 -2.95 -14.07
N LYS A 142 6.39 -1.70 -13.97
CA LYS A 142 7.05 -0.52 -14.58
C LYS A 142 7.35 0.47 -13.50
N ILE A 143 8.57 0.96 -13.42
CA ILE A 143 8.96 1.91 -12.33
C ILE A 143 9.09 3.31 -12.91
N ARG A 144 8.42 4.26 -12.27
CA ARG A 144 8.58 5.67 -12.59
C ARG A 144 9.27 6.32 -11.39
N VAL A 145 10.40 7.00 -11.64
CA VAL A 145 11.12 7.68 -10.56
C VAL A 145 10.57 9.11 -10.55
N ASP A 146 9.79 9.42 -9.52
CA ASP A 146 9.06 10.70 -9.47
CA ASP A 146 9.14 10.75 -9.45
C ASP A 146 8.52 10.92 -8.07
N ASP A 147 8.01 12.13 -7.82
CA ASP A 147 7.29 12.40 -6.58
CA ASP A 147 7.26 12.52 -6.64
C ASP A 147 5.86 11.91 -6.74
N ALA A 148 5.48 10.99 -5.87
CA ALA A 148 4.16 10.38 -5.95
C ALA A 148 2.99 11.35 -5.79
N ARG A 149 3.13 12.38 -4.97
CA ARG A 149 2.05 13.36 -4.83
C ARG A 149 1.85 14.09 -6.15
N VAL A 151 2.63 12.97 -9.13
CA VAL A 151 2.06 12.04 -10.12
C VAL A 151 0.53 11.94 -9.89
N ALA A 152 0.10 11.85 -8.63
CA ALA A 152 -1.34 11.78 -8.36
C ALA A 152 -2.05 13.02 -8.86
N GLU A 153 -1.44 14.19 -8.69
CA GLU A 153 -2.08 15.42 -9.17
C GLU A 153 -2.28 15.41 -10.67
N SER A 154 -1.42 14.67 -11.40
CA SER A 154 -1.59 14.61 -12.86
CA SER A 154 -1.50 14.56 -12.85
C SER A 154 -2.44 13.46 -13.38
N PHE A 155 -2.99 12.62 -12.47
CA PHE A 155 -3.86 11.54 -12.93
C PHE A 155 -4.96 12.11 -13.83
N THR A 156 -5.18 11.46 -14.96
CA THR A 156 -6.35 11.77 -15.81
C THR A 156 -7.51 10.78 -15.47
N PRO A 157 -8.72 11.10 -15.91
CA PRO A 157 -9.84 10.26 -15.50
C PRO A 157 -9.78 8.81 -15.93
N ALA A 158 -10.12 7.92 -14.99
CA ALA A 158 -10.26 6.49 -15.30
C ALA A 158 -9.01 5.93 -15.97
N SER A 159 -7.86 6.32 -15.43
CA SER A 159 -6.55 5.89 -15.92
C SER A 159 -5.94 4.72 -15.19
N ARG A 160 -6.58 4.28 -14.11
CA ARG A 160 -6.10 3.10 -13.33
C ARG A 160 -7.27 2.47 -12.58
N ASP A 161 -7.13 1.20 -12.18
CA ASP A 161 -8.23 0.49 -11.53
C ASP A 161 -8.06 0.39 -10.05
N VAL A 162 -6.80 0.42 -9.59
CA VAL A 162 -6.48 0.28 -8.18
C VAL A 162 -5.31 1.21 -7.91
N ILE A 163 -5.35 1.90 -6.77
CA ILE A 163 -4.20 2.64 -6.27
C ILE A 163 -3.84 2.06 -4.90
N ILE A 164 -2.57 1.70 -4.70
CA ILE A 164 -2.02 1.24 -3.43
C ILE A 164 -1.04 2.31 -2.97
N ARG A 165 -1.30 2.91 -1.81
CA ARG A 165 -0.39 3.90 -1.23
C ARG A 165 0.43 3.21 -0.15
N ASP A 166 1.74 3.21 -0.32
CA ASP A 166 2.66 2.63 0.68
C ASP A 166 3.93 3.43 0.65
N VAL A 167 3.81 4.65 1.17
CA VAL A 167 4.90 5.61 1.19
C VAL A 167 5.65 5.52 2.53
N PHE A 168 6.98 5.58 2.46
CA PHE A 168 7.82 5.70 3.69
C PHE A 168 7.32 4.77 4.78
N ALA A 169 7.24 3.48 4.45
CA ALA A 169 6.61 2.52 5.35
C ALA A 169 7.41 2.47 6.62
N GLY A 170 6.70 2.45 7.74
CA GLY A 170 7.34 2.52 9.06
C GLY A 170 7.22 3.88 9.71
N ALA A 171 6.87 4.90 8.93
CA ALA A 171 6.75 6.28 9.41
C ALA A 171 5.30 6.73 9.34
N ILE A 172 4.97 7.78 10.08
CA ILE A 172 3.69 8.47 9.91
C ILE A 172 3.68 9.09 8.49
N THR A 173 2.55 9.00 7.82
CA THR A 173 2.59 9.36 6.40
C THR A 173 2.77 10.90 6.25
N PRO A 174 3.62 11.38 5.31
CA PRO A 174 3.63 12.85 5.08
C PRO A 174 2.23 13.40 4.85
N GLN A 175 2.02 14.62 5.34
CA GLN A 175 0.70 15.19 5.41
C GLN A 175 0.05 15.27 4.04
N ASN A 176 0.84 15.53 3.00
CA ASN A 176 0.28 15.69 1.66
C ASN A 176 -0.25 14.43 0.99
N PHE A 177 -0.07 13.30 1.65
CA PHE A 177 -0.67 12.05 1.24
C PHE A 177 -1.91 11.71 2.05
N THR A 178 -2.37 12.63 2.90
CA THR A 178 -3.48 12.33 3.81
C THR A 178 -4.67 13.26 3.71
N THR A 179 -4.65 14.14 2.72
CA THR A 179 -5.64 15.21 2.65
C THR A 179 -6.76 14.90 1.68
N VAL A 180 -7.85 15.63 1.86
CA VAL A 180 -9.01 15.53 0.96
C VAL A 180 -8.56 15.79 -0.49
N GLU A 181 -7.67 16.76 -0.67
CA GLU A 181 -7.22 17.07 -2.03
C GLU A 181 -6.48 15.90 -2.66
N PHE A 182 -5.63 15.22 -1.87
CA PHE A 182 -4.96 14.02 -2.38
C PHE A 182 -5.97 12.94 -2.75
N PHE A 183 -6.95 12.71 -1.87
CA PHE A 183 -7.96 11.68 -2.14
C PHE A 183 -8.79 12.02 -3.37
N GLU A 184 -9.05 13.33 -3.58
CA GLU A 184 -9.80 13.76 -4.77
C GLU A 184 -9.02 13.47 -6.05
N HIS A 185 -7.70 13.67 -6.02
CA HIS A 185 -6.89 13.31 -7.19
C HIS A 185 -6.96 11.80 -7.46
N CYS A 186 -6.84 11.02 -6.40
CA CYS A 186 -6.95 9.55 -6.53
C CYS A 186 -8.30 9.14 -7.08
N HIS A 187 -9.37 9.77 -6.60
CA HIS A 187 -10.71 9.45 -7.08
C HIS A 187 -10.88 9.75 -8.58
N ARG A 188 -10.38 10.92 -9.01
CA ARG A 188 -10.43 11.22 -10.42
C ARG A 188 -9.68 10.18 -11.25
N GLY A 189 -8.49 9.78 -10.80
CA GLY A 189 -7.72 8.82 -11.60
C GLY A 189 -8.33 7.44 -11.66
N LEU A 190 -9.11 7.02 -10.65
CA LEU A 190 -9.67 5.69 -10.63
C LEU A 190 -10.80 5.52 -11.65
N ALA A 191 -10.80 4.35 -12.31
CA ALA A 191 -11.99 3.93 -13.05
C ALA A 191 -13.20 4.03 -12.12
N PRO A 192 -14.40 4.27 -12.67
CA PRO A 192 -15.58 4.28 -11.80
C PRO A 192 -15.65 3.01 -10.97
N GLY A 193 -15.84 3.18 -9.66
CA GLY A 193 -15.93 2.04 -8.77
C GLY A 193 -14.61 1.41 -8.39
N GLY A 194 -13.48 1.99 -8.82
CA GLY A 194 -12.16 1.40 -8.55
C GLY A 194 -11.79 1.47 -7.07
N LEU A 195 -10.62 0.92 -6.74
CA LEU A 195 -10.22 0.75 -5.35
C LEU A 195 -9.02 1.60 -5.00
N TYR A 196 -9.13 2.31 -3.87
CA TYR A 196 -8.00 2.93 -3.20
C TYR A 196 -7.68 2.12 -1.93
N VAL A 197 -6.41 1.77 -1.75
CA VAL A 197 -5.94 0.99 -0.58
CA VAL A 197 -6.00 1.07 -0.56
C VAL A 197 -4.69 1.67 -0.06
N ALA A 198 -4.62 1.93 1.23
CA ALA A 198 -3.43 2.55 1.82
C ALA A 198 -2.93 1.83 3.03
N ASN A 199 -1.61 1.71 3.11
CA ASN A 199 -0.95 1.33 4.36
C ASN A 199 -0.81 2.57 5.24
N CYS A 200 -1.33 2.49 6.46
CA CYS A 200 -1.25 3.62 7.41
C CYS A 200 -0.60 3.09 8.68
N GLY A 201 0.57 3.63 9.01
CA GLY A 201 1.21 3.33 10.30
C GLY A 201 0.77 4.35 11.34
N ASP A 202 0.36 3.88 12.52
CA ASP A 202 -0.10 4.83 13.54
C ASP A 202 0.15 4.29 14.95
N HIS A 203 0.36 5.22 15.89
CA HIS A 203 0.37 4.83 17.31
C HIS A 203 -1.01 5.01 17.92
N SER A 204 -1.18 4.50 19.12
CA SER A 204 -2.47 3.99 19.52
C SER A 204 -3.61 5.00 19.83
N ASP A 205 -3.32 6.30 19.81
CA ASP A 205 -4.37 7.32 19.78
C ASP A 205 -5.18 7.25 18.45
N LEU A 206 -4.51 6.76 17.40
CA LEU A 206 -5.13 6.54 16.11
C LEU A 206 -5.69 7.80 15.44
N ARG A 207 -5.22 8.99 15.86
CA ARG A 207 -5.75 10.24 15.31
C ARG A 207 -5.40 10.38 13.84
N GLY A 208 -4.22 9.89 13.47
CA GLY A 208 -3.80 9.91 12.05
C GLY A 208 -4.70 9.06 11.16
N ALA A 209 -4.84 7.80 11.53
CA ALA A 209 -5.76 6.90 10.78
C ALA A 209 -7.19 7.46 10.70
N LYS A 210 -7.71 7.97 11.83
CA LYS A 210 -9.07 8.44 11.85
C LYS A 210 -9.22 9.69 10.96
N SER A 211 -8.24 10.60 10.98
CA SER A 211 -8.32 11.77 10.11
CA SER A 211 -8.30 11.77 10.10
C SER A 211 -8.20 11.37 8.63
N GLU A 212 -7.40 10.35 8.33
CA GLU A 212 -7.31 9.89 6.92
C GLU A 212 -8.67 9.37 6.51
N LEU A 213 -9.26 8.52 7.35
CA LEU A 213 -10.60 8.01 7.06
C LEU A 213 -11.65 9.12 6.88
N ALA A 214 -11.64 10.12 7.77
CA ALA A 214 -12.55 11.25 7.62
C ALA A 214 -12.43 11.92 6.23
N GLY A 215 -11.20 12.07 5.73
CA GLY A 215 -11.02 12.69 4.42
C GLY A 215 -11.49 11.76 3.31
N GLU A 218 -15.24 11.86 2.63
CA GLU A 218 -15.76 12.98 1.83
C GLU A 218 -15.67 12.72 0.34
N VAL A 219 -14.82 11.78 -0.05
CA VAL A 219 -14.46 11.57 -1.45
C VAL A 219 -15.05 10.26 -2.03
N PHE A 220 -14.96 9.18 -1.26
CA PHE A 220 -15.45 7.85 -1.66
C PHE A 220 -16.77 7.57 -0.97
N GLU A 221 -17.68 6.89 -1.66
CA GLU A 221 -18.96 6.55 -1.04
C GLU A 221 -18.82 5.48 0.05
N HIS A 222 -17.79 4.65 -0.04
CA HIS A 222 -17.67 3.49 0.87
C HIS A 222 -16.24 3.35 1.37
N VAL A 223 -16.11 2.83 2.59
CA VAL A 223 -14.80 2.59 3.23
C VAL A 223 -14.83 1.32 4.03
N ALA A 224 -13.65 0.74 4.23
CA ALA A 224 -13.46 -0.44 5.06
C ALA A 224 -12.01 -0.48 5.51
N VAL A 225 -11.73 -1.28 6.53
CA VAL A 225 -10.37 -1.40 7.03
C VAL A 225 -9.97 -2.84 7.36
N ILE A 226 -8.66 -3.05 7.35
CA ILE A 226 -8.06 -4.24 7.93
C ILE A 226 -7.05 -3.84 8.96
N ALA A 227 -7.25 -4.29 10.20
CA ALA A 227 -6.55 -3.71 11.34
C ALA A 227 -5.81 -4.72 12.15
N ASP A 228 -4.70 -4.23 12.73
CA ASP A 228 -3.90 -4.94 13.70
C ASP A 228 -4.54 -4.74 15.07
N PRO A 229 -5.07 -5.81 15.65
CA PRO A 229 -5.82 -5.71 16.92
C PRO A 229 -5.05 -5.18 18.16
N PRO A 230 -3.76 -5.57 18.35
CA PRO A 230 -3.07 -4.95 19.50
C PRO A 230 -2.85 -3.44 19.38
N LEU A 232 -5.17 -1.36 17.81
CA LEU A 232 -6.52 -0.89 18.19
C LEU A 232 -6.69 -0.89 19.70
N LYS A 233 -6.09 -1.89 20.36
CA LYS A 233 -6.17 -2.02 21.82
C LYS A 233 -5.15 -1.13 22.55
N GLY A 234 -4.43 -0.29 21.78
CA GLY A 234 -3.46 0.63 22.37
C GLY A 234 -2.17 0.04 22.91
N ARG A 235 -1.87 -1.20 22.53
CA ARG A 235 -0.69 -1.90 23.06
C ARG A 235 0.62 -1.51 22.39
N ARG A 236 0.56 -1.19 21.10
CA ARG A 236 1.75 -0.83 20.35
C ARG A 236 1.39 -0.06 19.06
N TYR A 237 2.42 0.51 18.43
CA TYR A 237 2.34 1.01 17.06
C TYR A 237 2.01 -0.17 16.16
N GLY A 238 1.28 0.11 15.09
CA GLY A 238 0.94 -0.93 14.14
C GLY A 238 0.46 -0.35 12.81
N ASN A 239 -0.05 -1.24 12.00
CA ASN A 239 -0.51 -0.86 10.66
C ASN A 239 -1.99 -1.07 10.59
N ILE A 240 -2.62 -0.16 9.87
CA ILE A 240 -4.02 -0.32 9.51
C ILE A 240 -4.13 -0.07 8.02
N ILE A 241 -4.83 -0.97 7.33
CA ILE A 241 -5.05 -0.83 5.89
C ILE A 241 -6.40 -0.12 5.71
N LEU A 242 -6.36 1.04 5.04
CA LEU A 242 -7.54 1.88 4.78
C LEU A 242 -7.98 1.70 3.36
N GLY A 244 -10.94 2.62 0.30
CA GLY A 244 -12.01 3.50 -0.14
C GLY A 244 -12.43 3.13 -1.55
N SER A 245 -13.73 3.16 -1.83
CA SER A 245 -14.23 2.91 -3.18
C SER A 245 -15.66 3.42 -3.28
N ASP A 246 -16.10 3.72 -4.51
CA ASP A 246 -17.53 3.94 -4.74
C ASP A 246 -18.34 2.63 -4.84
N THR A 247 -17.63 1.52 -4.91
CA THR A 247 -18.23 0.18 -4.83
C THR A 247 -18.36 -0.21 -3.35
N GLU A 248 -19.52 -0.75 -2.96
CA GLU A 248 -19.71 -1.25 -1.61
C GLU A 248 -18.69 -2.31 -1.22
N PHE A 249 -18.17 -2.22 0.00
CA PHE A 249 -17.33 -3.25 0.58
C PHE A 249 -18.19 -4.33 1.21
N PHE A 250 -17.62 -5.50 1.38
CA PHE A 250 -18.34 -6.63 1.96
C PHE A 250 -18.77 -6.30 3.40
N SER A 251 -19.94 -6.79 3.79
CA SER A 251 -20.38 -6.63 5.16
C SER A 251 -19.76 -7.70 6.02
N SER A 252 -19.63 -7.39 7.30
CA SER A 252 -19.09 -8.32 8.26
C SER A 252 -19.82 -9.65 8.29
N ASN A 253 -21.10 -9.70 8.03
CA ASN A 253 -21.66 -11.06 8.07
C ASN A 253 -21.87 -11.78 6.73
N SER A 254 -20.97 -11.52 5.80
CA SER A 254 -21.06 -12.09 4.49
C SER A 254 -20.11 -13.27 4.40
N THR A 255 -20.34 -14.11 3.41
CA THR A 255 -19.43 -15.21 3.15
C THR A 255 -18.10 -14.69 2.65
N GLU A 256 -18.10 -13.57 1.88
CA GLU A 256 -16.85 -12.98 1.41
C GLU A 256 -16.02 -12.48 2.57
N ALA A 257 -16.68 -11.88 3.58
CA ALA A 257 -15.98 -11.43 4.76
C ALA A 257 -15.40 -12.61 5.53
N SER A 258 -16.13 -13.70 5.63
CA SER A 258 -15.55 -14.89 6.28
C SER A 258 -14.32 -15.39 5.55
N ALA A 259 -14.34 -15.38 4.22
CA ALA A 259 -13.15 -15.79 3.43
C ALA A 259 -11.97 -14.85 3.66
N ILE A 260 -12.23 -13.54 3.64
CA ILE A 260 -11.19 -12.59 3.97
C ILE A 260 -10.63 -12.89 5.35
N THR A 261 -11.55 -13.11 6.32
CA THR A 261 -11.11 -13.33 7.68
C THR A 261 -10.20 -14.55 7.80
N ARG A 262 -10.56 -15.64 7.14
CA ARG A 262 -9.73 -16.85 7.22
CA ARG A 262 -9.73 -16.84 7.22
C ARG A 262 -8.33 -16.55 6.72
N GLU A 263 -8.21 -15.75 5.64
CA GLU A 263 -6.88 -15.38 5.18
CA GLU A 263 -6.87 -15.38 5.18
C GLU A 263 -6.13 -14.51 6.20
N LEU A 264 -6.84 -13.57 6.81
CA LEU A 264 -6.24 -12.67 7.80
C LEU A 264 -5.77 -13.36 9.06
N LEU A 265 -6.30 -14.56 9.32
CA LEU A 265 -5.89 -15.33 10.50
C LEU A 265 -4.70 -16.21 10.19
N GLY A 266 -4.24 -16.19 8.93
CA GLY A 266 -3.15 -17.07 8.50
C GLY A 266 -1.74 -16.54 8.66
N GLY A 267 -1.59 -15.27 9.00
CA GLY A 267 -0.26 -14.64 9.18
C GLY A 267 0.26 -14.80 10.61
N GLY A 268 1.39 -14.16 10.91
CA GLY A 268 1.96 -14.19 12.26
C GLY A 268 1.22 -13.32 13.25
N VAL A 269 0.47 -12.36 12.73
CA VAL A 269 -0.35 -11.49 13.56
C VAL A 269 -1.77 -11.62 13.02
N PRO A 270 -2.69 -12.24 13.80
CA PRO A 270 -4.04 -12.38 13.27
C PRO A 270 -4.72 -11.04 13.17
N ALA A 271 -5.28 -10.74 12.02
CA ALA A 271 -5.88 -9.41 11.83
C ALA A 271 -7.38 -9.49 11.69
N GLN A 272 -8.03 -8.32 11.68
CA GLN A 272 -9.49 -8.22 11.64
C GLN A 272 -9.91 -7.35 10.45
N TYR A 273 -10.93 -7.79 9.74
CA TYR A 273 -11.60 -7.00 8.72
C TYR A 273 -12.76 -6.25 9.39
N LYS A 274 -12.84 -4.95 9.11
CA LYS A 274 -13.92 -4.13 9.66
C LYS A 274 -14.66 -3.47 8.51
N ASP A 275 -15.97 -3.61 8.55
CA ASP A 275 -16.81 -3.14 7.46
C ASP A 275 -17.12 -1.65 7.59
N GLU A 276 -17.83 -1.12 6.61
CA GLU A 276 -18.12 0.33 6.59
C GLU A 276 -18.86 0.82 7.84
N SER A 277 -19.83 0.04 8.31
CA SER A 277 -20.56 0.43 9.51
CA SER A 277 -20.57 0.40 9.52
CA SER A 277 -20.56 0.41 9.52
C SER A 277 -19.62 0.62 10.70
N TRP A 278 -18.67 -0.31 10.86
CA TRP A 278 -17.67 -0.17 11.93
C TRP A 278 -16.79 1.06 11.71
N VAL A 279 -16.32 1.23 10.48
CA VAL A 279 -15.40 2.35 10.19
C VAL A 279 -16.04 3.71 10.46
N ARG A 280 -17.32 3.85 10.10
CA ARG A 280 -17.99 5.13 10.34
C ARG A 280 -18.12 5.48 11.80
N LYS A 281 -18.25 4.46 12.65
CA LYS A 281 -18.23 4.70 14.11
C LYS A 281 -16.83 4.99 14.62
N PHE A 282 -15.84 4.21 14.14
CA PHE A 282 -14.44 4.35 14.55
C PHE A 282 -13.90 5.76 14.29
N ALA A 283 -14.23 6.31 13.12
CA ALA A 283 -13.69 7.60 12.70
C ALA A 283 -14.67 8.75 12.94
N SER A 284 -15.81 8.48 13.57
CA SER A 284 -16.78 9.53 13.88
CA SER A 284 -16.78 9.52 13.88
C SER A 284 -16.12 10.64 14.68
N GLY A 285 -16.45 11.87 14.35
CA GLY A 285 -15.88 13.00 15.07
C GLY A 285 -14.50 13.46 14.61
N ALA A 286 -13.79 12.63 13.83
CA ALA A 286 -12.47 13.00 13.35
C ALA A 286 -12.59 14.05 12.25
N GLN A 287 -11.63 14.96 12.22
CA GLN A 287 -11.64 16.02 11.21
C GLN A 287 -10.75 15.64 10.04
N ALA A 288 -11.30 15.79 8.85
CA ALA A 288 -10.51 15.61 7.63
C ALA A 288 -9.40 16.62 7.56
N ARG A 289 -8.33 16.23 6.91
CA ARG A 289 -7.19 17.13 6.66
C ARG A 289 -7.25 17.72 5.25
N HIS A 290 -6.73 18.93 5.13
CA HIS A 290 -6.62 19.63 3.86
C HIS A 290 -5.18 20.07 3.63
N ASP A 291 -4.81 20.21 2.36
CA ASP A 291 -3.50 20.75 2.01
C ASP A 291 -3.31 22.07 2.72
N GLY A 292 -2.09 22.27 3.21
CA GLY A 292 -1.69 23.54 3.78
C GLY A 292 -1.66 24.67 2.77
N VAL A 293 -1.76 25.89 3.28
CA VAL A 293 -1.60 27.09 2.46
CA VAL A 293 -1.59 27.09 2.45
C VAL A 293 -0.20 27.09 1.82
N SER A 294 -0.06 27.75 0.68
CA SER A 294 1.24 27.80 0.03
C SER A 294 2.27 28.55 0.84
N THR A 295 3.45 27.94 0.97
CA THR A 295 4.55 28.56 1.74
C THR A 295 5.74 28.80 0.82
N LEU A 296 5.49 28.72 -0.48
CA LEU A 296 6.50 29.04 -1.49
C LEU A 296 7.01 30.47 -1.32
N GLN A 297 8.33 30.59 -1.24
CA GLN A 297 8.98 31.91 -1.17
C GLN A 297 9.68 32.21 -2.51
N PRO A 299 12.32 34.67 -4.93
CA PRO A 299 13.54 35.48 -4.79
C PRO A 299 13.31 36.96 -5.15
#